data_1UZ4
#
_entry.id   1UZ4
#
_cell.length_a   91.625
_cell.length_b   102.370
_cell.length_c   50.356
_cell.angle_alpha   90.00
_cell.angle_beta   90.00
_cell.angle_gamma   90.00
#
_symmetry.space_group_name_H-M   'P 21 21 2'
#
loop_
_entity.id
_entity.type
_entity.pdbx_description
1 polymer MAN5A
2 non-polymer (3S,4R,5R)-3,4-DIHYDROXY-5-(HYDROXYMETHYL)PIPERIDIN-2-ONE
3 non-polymer GLYCEROL
4 non-polymer 'SULFATE ION'
5 water water
#
_entity_poly.entity_id   1
_entity_poly.type   'polypeptide(L)'
_entity_poly.pdbx_seq_one_letter_code
;MVAESNSAVAPTANVATSPAHEHFVRVNGGHFELQGKPYVITGVNMWYAAYLGAPNEVGDRDRLAKELDNLKAIGVNNLR
VLAVSEKSEINSAVKPAVTNGFGNYDETLLQGLDYLLVELAKRDMTVVLYFNNFWQWSGGMTQYMAWIEGEPVQDPNVTN
EWEAFMAKSASFYRSEKAQQEYRKTLEKIITRVNSINGKAYVDDATIMSWQLANEPRPGNSQTTAEEKQIYIDWVHAAAA
YIKTLDAHHLVSSGSEGEMGSVNDMQVFIDAHATPDIDYLTYHMWIRNWSWFDKTKPAETWPSAWEKAQNYMRAHIDVAK
QLNKPLVLEEFGLDRDMGSYAMDSTTEYRDNYFRGVFELMLASLEQGEPSAGYNIWAWNGYGRTTRANYWWQEGDDFMGD
PPQEEQGMYGVFDTDTSTIAIMKEFNARFQPKLEHHHHHH
;
_entity_poly.pdbx_strand_id   A
#
loop_
_chem_comp.id
_chem_comp.type
_chem_comp.name
_chem_comp.formula
GOL non-polymer GLYCEROL 'C3 H8 O3'
IFL non-polymer (3S,4R,5R)-3,4-DIHYDROXY-5-(HYDROXYMETHYL)PIPERIDIN-2-ONE 'C6 H11 N O4'
SO4 non-polymer 'SULFATE ION' 'O4 S -2'
#
# COMPACT_ATOMS: atom_id res chain seq x y z
N GLU A 22 -18.90 14.64 2.54
CA GLU A 22 -19.66 14.48 3.80
C GLU A 22 -18.73 14.81 4.99
N HIS A 23 -18.53 13.90 5.95
CA HIS A 23 -17.39 14.19 6.80
C HIS A 23 -16.19 13.26 6.68
N PHE A 24 -15.12 13.97 6.46
CA PHE A 24 -13.86 13.38 6.08
C PHE A 24 -13.11 12.90 7.32
N VAL A 25 -12.24 11.93 7.10
CA VAL A 25 -11.30 11.53 8.13
C VAL A 25 -10.31 12.69 8.24
N ARG A 26 -10.07 13.12 9.47
CA ARG A 26 -9.21 14.25 9.78
C ARG A 26 -8.11 13.78 10.71
N VAL A 27 -7.13 14.65 10.95
CA VAL A 27 -6.09 14.40 11.93
C VAL A 27 -6.18 15.42 13.05
N ASN A 28 -6.01 14.93 14.29
CA ASN A 28 -5.84 15.78 15.48
C ASN A 28 -4.70 15.27 16.30
N GLY A 29 -3.55 15.89 16.18
CA GLY A 29 -2.37 15.41 16.88
C GLY A 29 -1.99 14.01 16.38
N GLY A 30 -1.86 13.04 17.29
CA GLY A 30 -1.38 11.71 16.95
C GLY A 30 -2.45 10.70 16.63
N HIS A 31 -3.69 11.16 16.46
CA HIS A 31 -4.77 10.27 16.05
C HIS A 31 -5.61 10.88 14.94
N PHE A 32 -6.37 10.02 14.29
CA PHE A 32 -7.37 10.39 13.33
C PHE A 32 -8.71 10.60 14.05
N GLU A 33 -9.55 11.41 13.44
CA GLU A 33 -10.87 11.67 13.94
C GLU A 33 -11.86 11.60 12.79
N LEU A 34 -13.07 11.12 13.06
CA LEU A 34 -14.14 11.10 12.10
C LEU A 34 -15.37 11.55 12.84
N GLN A 35 -15.94 12.66 12.44
CA GLN A 35 -17.13 13.23 13.11
C GLN A 35 -16.85 13.44 14.59
N GLY A 36 -15.67 13.96 14.90
CA GLY A 36 -15.34 14.37 16.26
C GLY A 36 -15.07 13.22 17.21
N LYS A 37 -15.05 12.00 16.70
CA LYS A 37 -14.70 10.82 17.48
C LYS A 37 -13.36 10.24 16.96
N PRO A 38 -12.59 9.57 17.80
CA PRO A 38 -11.37 8.94 17.29
C PRO A 38 -11.68 7.85 16.26
N TYR A 39 -10.76 7.68 15.31
CA TYR A 39 -10.89 6.73 14.22
C TYR A 39 -9.55 6.01 14.14
N VAL A 40 -9.59 4.68 14.20
CA VAL A 40 -8.39 3.85 14.16
C VAL A 40 -8.50 2.96 12.92
N ILE A 41 -7.40 2.84 12.17
CA ILE A 41 -7.38 2.08 10.94
C ILE A 41 -7.21 0.59 11.27
N THR A 42 -8.20 -0.21 10.91
CA THR A 42 -8.12 -1.66 11.11
C THR A 42 -8.37 -2.23 9.73
N GLY A 43 -7.29 -2.33 8.96
CA GLY A 43 -7.41 -2.48 7.52
C GLY A 43 -6.71 -3.66 6.87
N VAL A 44 -6.86 -3.72 5.56
CA VAL A 44 -6.07 -4.62 4.72
C VAL A 44 -5.58 -3.90 3.47
N ASN A 45 -4.60 -4.51 2.84
CA ASN A 45 -4.17 -4.15 1.52
C ASN A 45 -4.88 -5.07 0.58
N MET A 46 -5.44 -4.48 -0.46
CA MET A 46 -6.19 -5.18 -1.51
C MET A 46 -5.94 -4.34 -2.73
N TRP A 47 -4.71 -4.46 -3.26
CA TRP A 47 -4.22 -3.56 -4.29
C TRP A 47 -5.18 -3.50 -5.50
N TYR A 48 -5.88 -4.63 -5.74
CA TYR A 48 -6.64 -4.95 -6.94
C TYR A 48 -8.14 -4.61 -6.79
N ALA A 49 -8.54 -3.98 -5.69
CA ALA A 49 -9.97 -3.78 -5.45
C ALA A 49 -10.66 -2.93 -6.50
N ALA A 50 -9.98 -1.94 -7.06
CA ALA A 50 -10.58 -1.16 -8.13
C ALA A 50 -10.65 -1.91 -9.47
N TYR A 51 -9.60 -2.67 -9.81
CA TYR A 51 -9.67 -3.60 -10.96
C TYR A 51 -10.88 -4.51 -10.85
N LEU A 52 -11.14 -5.01 -9.65
CA LEU A 52 -12.25 -5.94 -9.44
C LEU A 52 -13.60 -5.29 -9.69
N GLY A 53 -13.67 -3.96 -9.55
CA GLY A 53 -14.90 -3.22 -9.83
C GLY A 53 -15.15 -2.89 -11.29
N ALA A 54 -14.20 -3.21 -12.19
CA ALA A 54 -14.33 -2.84 -13.58
C ALA A 54 -15.57 -3.49 -14.20
N PRO A 55 -16.26 -2.79 -15.08
CA PRO A 55 -17.50 -3.31 -15.68
C PRO A 55 -17.33 -4.26 -16.84
N ASN A 56 -16.09 -4.48 -17.26
CA ASN A 56 -15.81 -5.35 -18.39
C ASN A 56 -15.25 -6.68 -17.88
N GLU A 57 -14.64 -7.45 -18.77
CA GLU A 57 -14.18 -8.82 -18.48
C GLU A 57 -13.00 -8.84 -17.46
N VAL A 58 -12.40 -7.68 -17.24
CA VAL A 58 -11.31 -7.55 -16.27
C VAL A 58 -11.84 -7.55 -14.84
N GLY A 59 -13.07 -7.10 -14.67
CA GLY A 59 -13.67 -7.07 -13.36
C GLY A 59 -14.32 -8.34 -12.91
N ASP A 60 -14.67 -8.33 -11.62
CA ASP A 60 -15.50 -9.38 -11.02
C ASP A 60 -16.32 -8.71 -9.91
N ARG A 61 -17.37 -8.00 -10.33
CA ARG A 61 -18.15 -7.19 -9.38
C ARG A 61 -18.88 -8.03 -8.37
N ASP A 62 -19.30 -9.22 -8.75
CA ASP A 62 -19.98 -10.13 -7.82
C ASP A 62 -19.01 -10.50 -6.68
N ARG A 63 -17.76 -10.81 -7.05
CA ARG A 63 -16.74 -11.11 -6.07
C ARG A 63 -16.42 -9.90 -5.19
N LEU A 64 -16.33 -8.72 -5.77
CA LEU A 64 -16.00 -7.53 -5.01
C LEU A 64 -16.99 -7.31 -3.88
N ALA A 65 -18.30 -7.39 -4.17
CA ALA A 65 -19.30 -7.19 -3.14
C ALA A 65 -19.17 -8.23 -2.03
N LYS A 66 -18.98 -9.48 -2.40
CA LYS A 66 -18.79 -10.57 -1.45
C LYS A 66 -17.54 -10.37 -0.59
N GLU A 67 -16.44 -9.93 -1.19
CA GLU A 67 -15.21 -9.66 -0.43
C GLU A 67 -15.43 -8.57 0.57
N LEU A 68 -16.06 -7.47 0.15
CA LEU A 68 -16.27 -6.35 1.06
C LEU A 68 -17.25 -6.73 2.17
N ASP A 69 -18.24 -7.59 1.86
CA ASP A 69 -19.13 -8.08 2.89
C ASP A 69 -18.38 -8.90 3.94
N ASN A 70 -17.47 -9.79 3.48
CA ASN A 70 -16.67 -10.59 4.39
C ASN A 70 -15.73 -9.72 5.22
N LEU A 71 -15.06 -8.78 4.57
CA LEU A 71 -14.13 -7.90 5.26
C LEU A 71 -14.88 -7.09 6.31
N LYS A 72 -16.06 -6.58 5.98
CA LYS A 72 -16.82 -5.77 6.93
C LYS A 72 -17.17 -6.64 8.16
N ALA A 73 -17.48 -7.90 7.92
CA ALA A 73 -17.87 -8.81 8.98
C ALA A 73 -16.70 -9.16 9.91
N ILE A 74 -15.47 -9.07 9.39
CA ILE A 74 -14.22 -9.31 10.12
C ILE A 74 -13.73 -8.03 10.82
N GLY A 75 -14.45 -6.91 10.64
CA GLY A 75 -14.15 -5.65 11.31
C GLY A 75 -13.19 -4.73 10.57
N VAL A 76 -12.98 -5.00 9.29
CA VAL A 76 -12.11 -4.18 8.46
C VAL A 76 -12.84 -2.90 8.08
N ASN A 77 -12.19 -1.73 8.30
CA ASN A 77 -12.80 -0.44 7.99
C ASN A 77 -12.08 0.34 6.92
N ASN A 78 -10.98 -0.20 6.39
CA ASN A 78 -10.10 0.58 5.49
C ASN A 78 -9.37 -0.35 4.54
N LEU A 79 -9.35 0.03 3.27
CA LEU A 79 -8.53 -0.69 2.28
C LEU A 79 -7.45 0.24 1.77
N ARG A 80 -6.30 -0.34 1.46
CA ARG A 80 -5.24 0.39 0.78
C ARG A 80 -5.15 -0.21 -0.66
N VAL A 81 -5.34 0.64 -1.65
CA VAL A 81 -5.62 0.23 -3.04
C VAL A 81 -4.79 1.04 -4.02
N LEU A 82 -4.34 0.36 -5.07
CA LEU A 82 -3.66 1.03 -6.19
C LEU A 82 -4.65 1.82 -7.04
N ALA A 83 -4.36 3.09 -7.29
CA ALA A 83 -5.23 3.96 -8.08
C ALA A 83 -4.97 3.87 -9.59
N VAL A 84 -3.72 3.66 -9.96
CA VAL A 84 -3.33 3.73 -11.36
C VAL A 84 -2.16 2.79 -11.66
N SER A 85 -2.16 2.20 -12.85
CA SER A 85 -1.07 1.36 -13.33
C SER A 85 -0.65 1.83 -14.73
N GLU A 86 0.60 1.56 -15.08
CA GLU A 86 1.20 1.92 -16.37
C GLU A 86 1.49 0.66 -17.19
N LYS A 87 1.18 0.68 -18.47
CA LYS A 87 1.29 -0.50 -19.31
C LYS A 87 2.72 -1.00 -19.37
N SER A 88 2.87 -2.29 -19.16
CA SER A 88 4.18 -2.91 -19.13
C SER A 88 4.12 -4.24 -19.89
N GLU A 89 5.22 -4.63 -20.51
CA GLU A 89 5.30 -5.91 -21.21
C GLU A 89 5.96 -6.99 -20.39
N ILE A 90 6.51 -6.67 -19.23
CA ILE A 90 7.14 -7.70 -18.42
C ILE A 90 6.11 -8.67 -17.82
N ASN A 91 6.58 -9.83 -17.38
CA ASN A 91 5.72 -10.85 -16.83
C ASN A 91 5.64 -10.84 -15.32
N SER A 92 5.89 -9.68 -14.71
CA SER A 92 5.73 -9.46 -13.26
C SER A 92 4.83 -8.25 -13.00
N ALA A 93 4.00 -7.90 -13.97
CA ALA A 93 3.16 -6.67 -13.90
C ALA A 93 1.71 -6.95 -14.23
N VAL A 94 0.83 -6.18 -13.59
CA VAL A 94 -0.59 -6.28 -13.91
C VAL A 94 -0.87 -5.89 -15.36
N LYS A 95 -1.75 -6.69 -15.97
CA LYS A 95 -2.27 -6.48 -17.32
C LYS A 95 -3.78 -6.73 -17.31
N PRO A 96 -4.58 -5.90 -17.97
CA PRO A 96 -4.20 -4.68 -18.68
C PRO A 96 -3.95 -3.57 -17.70
N ALA A 97 -3.48 -2.42 -18.22
CA ALA A 97 -3.12 -1.28 -17.40
C ALA A 97 -4.08 -0.13 -17.60
N VAL A 98 -4.11 0.77 -16.64
CA VAL A 98 -4.92 2.00 -16.75
C VAL A 98 -4.32 3.00 -17.74
N THR A 99 -2.99 3.14 -17.77
CA THR A 99 -2.34 4.15 -18.57
C THR A 99 -1.58 3.49 -19.69
N ASN A 100 -2.13 3.56 -20.89
CA ASN A 100 -1.54 2.94 -22.09
C ASN A 100 -0.69 3.96 -22.88
N GLY A 101 0.42 4.35 -22.28
CA GLY A 101 1.23 5.47 -22.74
C GLY A 101 0.72 6.75 -22.10
N PHE A 102 1.60 7.72 -21.98
CA PHE A 102 1.26 8.96 -21.26
C PHE A 102 -0.07 9.55 -21.73
N GLY A 103 -0.94 9.85 -20.77
CA GLY A 103 -2.18 10.57 -21.05
C GLY A 103 -3.31 9.71 -21.60
N ASN A 104 -3.04 8.45 -21.95
CA ASN A 104 -4.01 7.55 -22.59
C ASN A 104 -4.67 6.60 -21.55
N TYR A 105 -5.61 7.12 -20.78
CA TYR A 105 -6.21 6.42 -19.64
C TYR A 105 -7.40 5.59 -20.08
N ASP A 106 -7.49 4.37 -19.56
CA ASP A 106 -8.60 3.47 -19.86
C ASP A 106 -9.78 3.86 -18.97
N GLU A 107 -10.71 4.62 -19.55
CA GLU A 107 -11.90 5.07 -18.80
C GLU A 107 -12.75 3.94 -18.28
N THR A 108 -12.80 2.81 -19.00
CA THR A 108 -13.56 1.67 -18.56
C THR A 108 -13.00 1.09 -17.28
N LEU A 109 -11.67 0.97 -17.19
CA LEU A 109 -11.05 0.56 -15.95
C LEU A 109 -11.22 1.55 -14.81
N LEU A 110 -11.18 2.84 -15.10
CA LEU A 110 -11.40 3.85 -14.04
C LEU A 110 -12.82 3.79 -13.48
N GLN A 111 -13.79 3.32 -14.26
CA GLN A 111 -15.14 3.02 -13.73
C GLN A 111 -15.11 1.95 -12.65
N GLY A 112 -14.07 1.12 -12.64
CA GLY A 112 -13.84 0.20 -11.54
C GLY A 112 -13.54 0.93 -10.24
N LEU A 113 -12.76 2.01 -10.30
CA LEU A 113 -12.53 2.80 -9.09
C LEU A 113 -13.84 3.48 -8.65
N ASP A 114 -14.61 4.00 -9.62
CA ASP A 114 -15.93 4.58 -9.30
C ASP A 114 -16.79 3.58 -8.53
N TYR A 115 -16.85 2.35 -9.06
CA TYR A 115 -17.66 1.29 -8.49
C TYR A 115 -17.20 0.91 -7.08
N LEU A 116 -15.89 0.78 -6.89
CA LEU A 116 -15.34 0.53 -5.58
C LEU A 116 -15.76 1.58 -4.60
N LEU A 117 -15.70 2.85 -4.98
CA LEU A 117 -16.02 3.93 -4.06
C LEU A 117 -17.51 3.89 -3.66
N VAL A 118 -18.36 3.56 -4.61
CA VAL A 118 -19.80 3.32 -4.31
C VAL A 118 -20.00 2.15 -3.29
N GLU A 119 -19.31 1.04 -3.51
CA GLU A 119 -19.46 -0.14 -2.70
C GLU A 119 -18.92 0.09 -1.28
N LEU A 120 -17.77 0.78 -1.17
CA LEU A 120 -17.22 1.10 0.15
C LEU A 120 -18.14 2.03 0.95
N ALA A 121 -18.71 3.02 0.29
CA ALA A 121 -19.60 3.98 0.92
C ALA A 121 -20.84 3.29 1.48
N LYS A 122 -21.39 2.27 0.81
CA LYS A 122 -22.52 1.49 1.36
C LYS A 122 -22.20 0.80 2.66
N ARG A 123 -20.92 0.50 2.89
CA ARG A 123 -20.46 -0.24 4.01
C ARG A 123 -19.68 0.56 5.08
N ASP A 124 -19.68 1.88 4.95
CA ASP A 124 -18.94 2.77 5.85
C ASP A 124 -17.47 2.37 5.99
N MET A 125 -16.86 2.05 4.85
CA MET A 125 -15.45 1.71 4.79
C MET A 125 -14.75 2.82 4.02
N THR A 126 -13.46 3.04 4.30
CA THR A 126 -12.70 4.02 3.59
C THR A 126 -11.53 3.41 2.82
N VAL A 127 -10.90 4.23 2.01
CA VAL A 127 -9.79 3.79 1.18
C VAL A 127 -8.63 4.80 1.14
N VAL A 128 -7.42 4.27 1.12
CA VAL A 128 -6.19 5.02 0.84
C VAL A 128 -5.74 4.61 -0.56
N LEU A 129 -5.60 5.58 -1.45
CA LEU A 129 -5.32 5.33 -2.88
C LEU A 129 -3.93 5.84 -3.18
N TYR A 130 -3.04 4.96 -3.66
CA TYR A 130 -1.69 5.38 -4.05
C TYR A 130 -1.52 5.48 -5.56
N PHE A 131 -0.74 6.47 -6.00
CA PHE A 131 -0.73 6.91 -7.39
C PHE A 131 0.43 6.50 -8.24
N ASN A 132 1.32 5.72 -7.70
CA ASN A 132 2.51 5.31 -8.43
C ASN A 132 3.10 4.17 -7.61
N ASN A 133 4.28 3.73 -8.02
CA ASN A 133 4.90 2.53 -7.46
C ASN A 133 6.38 2.61 -7.70
N PHE A 134 7.15 2.45 -6.64
CA PHE A 134 8.59 2.34 -6.78
C PHE A 134 8.95 1.07 -7.53
N TRP A 135 8.12 0.05 -7.36
CA TRP A 135 8.40 -1.31 -7.86
C TRP A 135 7.75 -1.55 -9.23
N GLN A 136 7.91 -2.75 -9.76
CA GLN A 136 7.61 -3.01 -11.17
C GLN A 136 6.22 -3.52 -11.45
N TRP A 137 5.48 -3.90 -10.42
CA TRP A 137 4.30 -4.76 -10.62
C TRP A 137 3.09 -4.01 -11.14
N SER A 138 3.12 -2.69 -11.10
CA SER A 138 2.11 -1.87 -11.77
C SER A 138 2.73 -0.93 -12.79
N GLY A 139 3.93 -1.26 -13.25
CA GLY A 139 4.71 -0.40 -14.11
C GLY A 139 5.52 0.58 -13.31
N GLY A 140 4.88 1.64 -12.85
CA GLY A 140 5.43 2.50 -11.84
C GLY A 140 6.54 3.38 -12.39
N MET A 141 7.41 3.83 -11.51
CA MET A 141 8.41 4.82 -11.85
C MET A 141 9.34 4.40 -12.96
N THR A 142 9.79 3.13 -12.96
CA THR A 142 10.66 2.67 -14.05
C THR A 142 9.93 2.60 -15.38
N GLN A 143 8.62 2.41 -15.39
CA GLN A 143 7.87 2.45 -16.66
C GLN A 143 7.75 3.87 -17.21
N TYR A 144 7.60 4.87 -16.33
CA TYR A 144 7.69 6.30 -16.75
C TYR A 144 9.02 6.51 -17.47
N MET A 145 10.09 6.04 -16.84
CA MET A 145 11.42 6.30 -17.41
C MET A 145 11.61 5.53 -18.71
N ALA A 146 11.08 4.33 -18.79
CA ALA A 146 11.16 3.53 -20.04
C ALA A 146 10.49 4.24 -21.20
N TRP A 147 9.33 4.84 -20.95
CA TRP A 147 8.62 5.59 -21.98
C TRP A 147 9.42 6.83 -22.39
N ILE A 148 9.99 7.52 -21.43
CA ILE A 148 10.77 8.73 -21.70
C ILE A 148 12.04 8.42 -22.49
N GLU A 149 12.69 7.34 -22.12
CA GLU A 149 14.01 6.99 -22.64
C GLU A 149 13.95 6.13 -23.90
N GLY A 150 12.77 5.59 -24.20
CA GLY A 150 12.55 4.71 -25.33
C GLY A 150 13.21 3.35 -25.21
N GLU A 151 13.45 2.89 -23.98
CA GLU A 151 14.04 1.58 -23.70
C GLU A 151 13.13 0.81 -22.75
N PRO A 152 12.85 -0.46 -23.04
CA PRO A 152 11.95 -1.24 -22.19
C PRO A 152 12.51 -1.54 -20.79
N VAL A 153 11.60 -1.75 -19.85
CA VAL A 153 11.95 -2.10 -18.48
C VAL A 153 12.57 -3.48 -18.47
N GLN A 154 13.63 -3.64 -17.70
CA GLN A 154 14.20 -4.95 -17.46
C GLN A 154 13.67 -5.44 -16.10
N ASP A 155 12.85 -6.47 -16.13
CA ASP A 155 12.23 -7.00 -14.93
C ASP A 155 13.29 -7.47 -13.95
N PRO A 156 13.38 -6.87 -12.76
CA PRO A 156 14.38 -7.33 -11.81
C PRO A 156 14.15 -8.75 -11.28
N ASN A 157 12.92 -9.27 -11.38
CA ASN A 157 12.69 -10.68 -11.08
C ASN A 157 13.50 -11.59 -12.01
N VAL A 158 13.77 -11.11 -13.20
CA VAL A 158 14.53 -11.85 -14.21
C VAL A 158 16.02 -11.54 -14.13
N THR A 159 16.38 -10.27 -13.99
CA THR A 159 17.81 -9.88 -14.03
C THR A 159 18.52 -10.04 -12.69
N ASN A 160 17.76 -10.01 -11.60
CA ASN A 160 18.29 -9.87 -10.24
C ASN A 160 19.17 -8.63 -10.05
N GLU A 161 19.03 -7.63 -10.91
CA GLU A 161 19.84 -6.41 -10.84
C GLU A 161 19.08 -5.35 -10.02
N TRP A 162 18.90 -5.64 -8.73
CA TRP A 162 18.03 -4.82 -7.89
C TRP A 162 18.64 -3.45 -7.60
N GLU A 163 19.96 -3.38 -7.45
CA GLU A 163 20.58 -2.07 -7.22
C GLU A 163 20.40 -1.15 -8.42
N ALA A 164 20.56 -1.70 -9.62
CA ALA A 164 20.42 -0.93 -10.82
C ALA A 164 18.95 -0.51 -10.97
N PHE A 165 18.06 -1.44 -10.66
CA PHE A 165 16.62 -1.16 -10.74
C PHE A 165 16.18 0.01 -9.85
N MET A 166 16.63 -0.04 -8.60
CA MET A 166 16.27 1.01 -7.63
C MET A 166 16.85 2.37 -8.04
N ALA A 167 18.08 2.39 -8.56
CA ALA A 167 18.61 3.65 -9.06
C ALA A 167 17.78 4.20 -10.23
N LYS A 168 17.35 3.35 -11.16
CA LYS A 168 16.55 3.80 -12.30
C LYS A 168 15.21 4.32 -11.80
N SER A 169 14.64 3.63 -10.82
CA SER A 169 13.33 4.02 -10.33
C SER A 169 13.43 5.41 -9.68
N ALA A 170 14.47 5.65 -8.90
CA ALA A 170 14.64 6.97 -8.27
C ALA A 170 14.99 8.07 -9.26
N SER A 171 15.47 7.73 -10.45
CA SER A 171 15.75 8.74 -11.46
C SER A 171 14.47 9.46 -11.89
N PHE A 172 13.32 8.83 -11.65
CA PHE A 172 12.02 9.47 -11.85
C PHE A 172 11.95 10.85 -11.16
N TYR A 173 12.48 10.99 -9.95
CA TYR A 173 12.33 12.26 -9.24
C TYR A 173 13.02 13.42 -9.92
N ARG A 174 14.11 13.10 -10.62
CA ARG A 174 14.95 14.08 -11.28
C ARG A 174 14.55 14.44 -12.70
N SER A 175 13.49 13.84 -13.22
CA SER A 175 13.08 14.04 -14.61
C SER A 175 11.93 15.02 -14.66
N GLU A 176 12.14 16.14 -15.33
CA GLU A 176 11.07 17.13 -15.46
C GLU A 176 9.88 16.59 -16.22
N LYS A 177 10.14 15.84 -17.30
CA LYS A 177 9.06 15.20 -18.05
C LYS A 177 8.27 14.21 -17.20
N ALA A 178 8.98 13.37 -16.44
CA ALA A 178 8.30 12.40 -15.59
C ALA A 178 7.42 13.11 -14.57
N GLN A 179 7.90 14.20 -13.98
CA GLN A 179 7.10 14.93 -13.00
C GLN A 179 5.89 15.60 -13.60
N GLN A 180 6.04 16.16 -14.79
CA GLN A 180 4.91 16.71 -15.53
C GLN A 180 3.84 15.65 -15.74
N GLU A 181 4.26 14.46 -16.12
CA GLU A 181 3.31 13.40 -16.42
C GLU A 181 2.65 12.84 -15.12
N TYR A 182 3.44 12.75 -14.06
CA TYR A 182 2.94 12.34 -12.75
C TYR A 182 1.89 13.35 -12.26
N ARG A 183 2.20 14.64 -12.37
CA ARG A 183 1.25 15.66 -11.93
C ARG A 183 -0.03 15.59 -12.76
N LYS A 184 0.09 15.35 -14.07
CA LYS A 184 -1.10 15.15 -14.92
C LYS A 184 -1.99 13.97 -14.49
N THR A 185 -1.38 12.89 -14.06
CA THR A 185 -2.09 11.72 -13.58
C THR A 185 -2.78 12.03 -12.25
N LEU A 186 -2.05 12.68 -11.34
CA LEU A 186 -2.66 13.12 -10.09
C LEU A 186 -3.90 13.98 -10.36
N GLU A 187 -3.75 14.96 -11.24
CA GLU A 187 -4.84 15.87 -11.55
C GLU A 187 -6.02 15.11 -12.17
N LYS A 188 -5.74 14.17 -13.10
CA LYS A 188 -6.76 13.34 -13.78
C LYS A 188 -7.65 12.57 -12.85
N ILE A 189 -7.06 11.97 -11.83
CA ILE A 189 -7.81 11.17 -10.89
C ILE A 189 -8.44 12.03 -9.80
N ILE A 190 -7.69 12.97 -9.24
CA ILE A 190 -8.22 13.77 -8.14
C ILE A 190 -9.42 14.61 -8.58
N THR A 191 -9.39 15.11 -9.83
CA THR A 191 -10.51 15.93 -10.34
C THR A 191 -11.60 15.09 -10.99
N ARG A 192 -11.52 13.76 -10.89
CA ARG A 192 -12.52 12.87 -11.48
C ARG A 192 -13.87 13.10 -10.85
N VAL A 193 -14.94 12.95 -11.63
CA VAL A 193 -16.28 12.80 -11.09
C VAL A 193 -16.65 11.33 -11.14
N ASN A 194 -17.20 10.81 -10.05
CA ASN A 194 -17.65 9.41 -10.03
C ASN A 194 -18.80 9.28 -11.04
N SER A 195 -18.63 8.41 -12.04
CA SER A 195 -19.54 8.30 -13.17
C SER A 195 -20.84 7.65 -12.71
N ILE A 196 -20.81 7.00 -11.54
CA ILE A 196 -22.01 6.29 -11.05
C ILE A 196 -22.89 7.20 -10.17
N ASN A 197 -22.31 7.77 -9.13
CA ASN A 197 -23.09 8.56 -8.17
C ASN A 197 -22.97 10.08 -8.37
N GLY A 198 -22.08 10.51 -9.28
CA GLY A 198 -21.92 11.91 -9.58
C GLY A 198 -21.14 12.73 -8.57
N LYS A 199 -20.50 12.06 -7.61
CA LYS A 199 -19.73 12.77 -6.57
C LYS A 199 -18.39 13.09 -7.16
N ALA A 200 -17.94 14.33 -7.05
CA ALA A 200 -16.54 14.68 -7.34
C ALA A 200 -15.66 13.92 -6.34
N TYR A 201 -14.51 13.43 -6.78
CA TYR A 201 -13.63 12.70 -5.87
C TYR A 201 -13.22 13.57 -4.69
N VAL A 202 -12.99 14.86 -4.92
CA VAL A 202 -12.58 15.75 -3.84
C VAL A 202 -13.65 15.91 -2.79
N ASP A 203 -14.91 15.60 -3.12
CA ASP A 203 -16.02 15.68 -2.16
C ASP A 203 -16.39 14.36 -1.49
N ASP A 204 -15.65 13.30 -1.81
CA ASP A 204 -16.07 11.96 -1.40
C ASP A 204 -15.30 11.56 -0.11
N ALA A 205 -16.02 11.49 1.00
CA ALA A 205 -15.41 11.14 2.28
C ALA A 205 -15.05 9.64 2.36
N THR A 206 -15.42 8.85 1.36
CA THR A 206 -15.02 7.45 1.30
C THR A 206 -13.51 7.35 1.13
N ILE A 207 -12.94 8.34 0.47
CA ILE A 207 -11.47 8.43 0.33
C ILE A 207 -10.89 9.02 1.62
N MET A 208 -10.09 8.21 2.31
CA MET A 208 -9.41 8.66 3.50
C MET A 208 -8.19 9.51 3.18
N SER A 209 -7.41 9.05 2.22
CA SER A 209 -6.12 9.71 1.91
C SER A 209 -5.72 9.45 0.48
N TRP A 210 -5.07 10.44 -0.13
CA TRP A 210 -4.30 10.31 -1.34
C TRP A 210 -2.89 9.96 -0.90
N GLN A 211 -2.23 9.06 -1.62
CA GLN A 211 -0.90 8.61 -1.26
C GLN A 211 0.03 8.71 -2.45
N LEU A 212 1.20 9.31 -2.25
CA LEU A 212 2.10 9.66 -3.38
C LEU A 212 2.44 8.45 -4.24
N ALA A 213 2.79 7.36 -3.59
CA ALA A 213 3.27 6.18 -4.26
C ALA A 213 3.32 5.01 -3.30
N ASN A 214 3.47 3.81 -3.84
CA ASN A 214 3.83 2.64 -3.06
C ASN A 214 5.35 2.55 -2.85
N GLU A 215 5.79 2.76 -1.62
CA GLU A 215 7.17 2.55 -1.20
C GLU A 215 8.20 3.40 -1.95
N PRO A 216 7.97 4.70 -2.05
CA PRO A 216 8.97 5.54 -2.70
C PRO A 216 10.25 5.51 -1.88
N ARG A 217 11.37 5.29 -2.53
CA ARG A 217 12.66 5.31 -1.88
C ARG A 217 13.58 6.31 -2.59
N PRO A 218 14.61 6.80 -1.90
CA PRO A 218 15.57 7.75 -2.49
C PRO A 218 16.49 7.17 -3.57
N GLY A 219 16.63 5.86 -3.59
CA GLY A 219 17.51 5.19 -4.55
C GLY A 219 17.97 3.88 -3.95
N ASN A 220 19.17 3.46 -4.31
CA ASN A 220 19.72 2.18 -3.93
C ASN A 220 20.64 2.34 -2.71
N SER A 221 21.41 1.30 -2.40
CA SER A 221 22.24 1.35 -1.21
C SER A 221 23.38 2.37 -1.29
N GLN A 222 23.69 2.83 -2.49
CA GLN A 222 24.75 3.83 -2.71
C GLN A 222 24.21 5.22 -3.00
N THR A 223 23.00 5.52 -2.52
CA THR A 223 22.41 6.84 -2.72
C THR A 223 23.25 7.98 -2.13
N THR A 224 23.43 9.08 -2.86
CA THR A 224 24.23 10.21 -2.38
C THR A 224 23.42 11.18 -1.53
N ALA A 225 24.12 12.06 -0.83
CA ALA A 225 23.46 13.12 -0.08
C ALA A 225 22.56 13.98 -0.97
N GLU A 226 23.02 14.30 -2.20
CA GLU A 226 22.20 15.07 -3.15
C GLU A 226 20.92 14.33 -3.51
N GLU A 227 21.04 13.02 -3.73
CA GLU A 227 19.87 12.19 -4.04
C GLU A 227 18.89 12.12 -2.85
N LYS A 228 19.40 12.09 -1.63
CA LYS A 228 18.52 12.16 -0.44
C LYS A 228 17.75 13.48 -0.44
N GLN A 229 18.41 14.58 -0.75
CA GLN A 229 17.73 15.87 -0.79
C GLN A 229 16.70 15.96 -1.91
N ILE A 230 16.99 15.41 -3.08
CA ILE A 230 16.04 15.38 -4.20
C ILE A 230 14.79 14.61 -3.78
N TYR A 231 14.99 13.50 -3.09
CA TYR A 231 13.81 12.75 -2.57
C TYR A 231 12.98 13.56 -1.55
N ILE A 232 13.64 14.12 -0.54
CA ILE A 232 12.95 14.99 0.43
C ILE A 232 12.16 16.05 -0.31
N ASP A 233 12.80 16.75 -1.24
CA ASP A 233 12.14 17.82 -1.95
C ASP A 233 10.94 17.32 -2.80
N TRP A 234 11.06 16.12 -3.35
CA TRP A 234 9.98 15.52 -4.13
C TRP A 234 8.78 15.25 -3.24
N VAL A 235 8.99 14.66 -2.09
CA VAL A 235 7.85 14.36 -1.19
C VAL A 235 7.17 15.69 -0.83
N HIS A 236 7.96 16.70 -0.46
CA HIS A 236 7.39 18.01 -0.13
C HIS A 236 6.58 18.60 -1.31
N ALA A 237 7.18 18.57 -2.49
CA ALA A 237 6.55 19.24 -3.66
C ALA A 237 5.28 18.52 -4.13
N ALA A 238 5.32 17.20 -4.07
CA ALA A 238 4.20 16.40 -4.53
C ALA A 238 3.03 16.53 -3.59
N ALA A 239 3.30 16.50 -2.28
CA ALA A 239 2.23 16.68 -1.31
C ALA A 239 1.64 18.09 -1.44
N ALA A 240 2.49 19.09 -1.64
CA ALA A 240 2.00 20.46 -1.80
C ALA A 240 1.15 20.57 -3.06
N TYR A 241 1.55 19.89 -4.13
CA TYR A 241 0.78 19.92 -5.38
C TYR A 241 -0.63 19.34 -5.16
N ILE A 242 -0.71 18.21 -4.49
CA ILE A 242 -2.02 17.58 -4.25
C ILE A 242 -2.89 18.54 -3.45
N LYS A 243 -2.31 19.24 -2.48
CA LYS A 243 -3.10 20.17 -1.67
C LYS A 243 -3.64 21.35 -2.49
N THR A 244 -3.00 21.70 -3.62
CA THR A 244 -3.57 22.72 -4.52
C THR A 244 -4.80 22.21 -5.24
N LEU A 245 -4.90 20.89 -5.42
CA LEU A 245 -6.07 20.27 -6.04
C LEU A 245 -7.20 19.95 -5.04
N ASP A 246 -6.84 19.72 -3.78
CA ASP A 246 -7.77 19.12 -2.80
C ASP A 246 -7.28 19.54 -1.42
N ALA A 247 -7.94 20.54 -0.87
CA ALA A 247 -7.42 21.20 0.33
C ALA A 247 -7.71 20.38 1.55
N HIS A 248 -8.66 19.44 1.41
CA HIS A 248 -9.25 18.78 2.54
C HIS A 248 -8.95 17.27 2.77
N HIS A 249 -8.77 16.44 1.75
CA HIS A 249 -8.37 15.06 2.05
C HIS A 249 -6.95 14.99 2.64
N LEU A 250 -6.69 13.96 3.44
CA LEU A 250 -5.35 13.71 3.94
C LEU A 250 -4.43 13.27 2.82
N VAL A 251 -3.13 13.52 3.02
CA VAL A 251 -2.10 13.12 2.08
C VAL A 251 -0.99 12.41 2.88
N SER A 252 -0.53 11.29 2.33
CA SER A 252 0.54 10.49 2.94
C SER A 252 1.54 10.12 1.80
N SER A 253 2.73 9.65 2.14
CA SER A 253 3.75 9.34 1.13
C SER A 253 3.73 7.90 0.61
N GLY A 254 3.32 6.95 1.43
CA GLY A 254 3.50 5.52 1.17
C GLY A 254 4.87 4.93 1.50
N SER A 255 5.69 5.70 2.21
CA SER A 255 7.00 5.23 2.64
C SER A 255 6.95 4.00 3.58
N GLU A 256 8.01 3.18 3.46
CA GLU A 256 8.23 2.05 4.35
C GLU A 256 8.76 2.48 5.71
N GLY A 257 9.22 3.72 5.83
CA GLY A 257 9.89 4.19 7.01
C GLY A 257 11.39 4.28 6.77
N GLU A 258 12.15 4.07 7.83
CA GLU A 258 13.61 4.06 7.77
C GLU A 258 14.18 3.15 6.69
N MET A 259 13.62 1.95 6.53
CA MET A 259 14.09 1.01 5.49
C MET A 259 13.86 1.54 4.07
N GLY A 260 12.85 2.39 3.90
CA GLY A 260 12.58 3.06 2.65
C GLY A 260 13.23 4.43 2.52
N SER A 261 14.20 4.73 3.41
CA SER A 261 14.88 6.01 3.46
C SER A 261 16.40 5.80 3.45
N VAL A 262 16.81 4.75 2.75
CA VAL A 262 18.22 4.27 2.71
C VAL A 262 18.86 4.16 4.14
N ASN A 263 18.06 3.64 5.07
CA ASN A 263 18.48 3.40 6.45
C ASN A 263 18.94 4.63 7.19
N ASP A 264 18.37 5.77 6.83
CA ASP A 264 18.72 7.06 7.37
C ASP A 264 17.43 7.68 7.91
N MET A 265 17.24 7.56 9.21
CA MET A 265 15.99 7.99 9.81
C MET A 265 15.83 9.50 9.60
N GLN A 266 16.92 10.26 9.52
CA GLN A 266 16.77 11.72 9.29
C GLN A 266 16.17 12.07 7.94
N VAL A 267 16.42 11.25 6.93
CA VAL A 267 15.75 11.39 5.65
C VAL A 267 14.23 11.18 5.83
N PHE A 268 13.84 10.15 6.51
CA PHE A 268 12.41 9.93 6.83
C PHE A 268 11.80 11.15 7.51
N ILE A 269 12.46 11.63 8.56
CA ILE A 269 11.98 12.79 9.31
C ILE A 269 11.84 14.01 8.41
N ASP A 270 12.90 14.36 7.70
CA ASP A 270 12.90 15.57 6.89
C ASP A 270 11.87 15.47 5.76
N ALA A 271 11.73 14.32 5.14
CA ALA A 271 10.76 14.19 4.05
C ALA A 271 9.33 14.39 4.56
N HIS A 272 9.07 13.98 5.79
CA HIS A 272 7.70 13.98 6.32
C HIS A 272 7.43 15.14 7.28
N ALA A 273 8.38 16.07 7.41
CA ALA A 273 8.21 17.21 8.31
C ALA A 273 7.28 18.32 7.75
N THR A 274 6.91 18.24 6.48
CA THR A 274 6.05 19.24 5.87
C THR A 274 4.63 19.14 6.40
N PRO A 275 3.94 20.27 6.61
CA PRO A 275 2.53 20.21 7.02
C PRO A 275 1.62 19.60 5.96
N ASP A 276 2.08 19.49 4.72
CA ASP A 276 1.25 18.90 3.67
C ASP A 276 1.21 17.35 3.72
N ILE A 277 2.05 16.73 4.55
CA ILE A 277 1.95 15.30 4.85
C ILE A 277 1.18 15.21 6.16
N ASP A 278 -0.04 14.64 6.15
CA ASP A 278 -0.88 14.65 7.33
C ASP A 278 -0.60 13.58 8.35
N TYR A 279 -0.14 12.43 7.87
CA TYR A 279 0.20 11.33 8.76
C TYR A 279 1.37 10.52 8.18
N LEU A 280 1.90 9.62 9.03
CA LEU A 280 3.11 8.87 8.75
C LEU A 280 2.74 7.42 8.50
N THR A 281 3.51 6.78 7.63
CA THR A 281 3.39 5.35 7.28
C THR A 281 4.72 4.66 7.54
N TYR A 282 4.63 3.39 7.90
CA TYR A 282 5.78 2.49 7.89
C TYR A 282 5.29 1.12 7.47
N HIS A 283 6.20 0.36 6.87
CA HIS A 283 5.90 -0.98 6.40
C HIS A 283 6.92 -1.87 7.08
N MET A 284 6.58 -3.11 7.37
CA MET A 284 7.52 -4.03 8.06
C MET A 284 7.53 -5.37 7.31
N TRP A 285 8.71 -5.77 6.84
CA TRP A 285 8.95 -6.93 6.00
C TRP A 285 10.13 -7.79 6.48
N ILE A 286 9.88 -8.53 7.57
CA ILE A 286 10.95 -9.18 8.26
C ILE A 286 11.61 -10.26 7.41
N ARG A 287 10.87 -10.94 6.54
CA ARG A 287 11.50 -11.96 5.68
C ARG A 287 12.26 -11.26 4.54
N ASN A 288 11.65 -10.27 3.90
CA ASN A 288 12.29 -9.56 2.77
C ASN A 288 13.64 -8.95 3.19
N TRP A 289 13.73 -8.51 4.45
CA TRP A 289 14.91 -7.85 4.99
C TRP A 289 15.97 -8.81 5.56
N SER A 290 15.70 -10.10 5.43
CA SER A 290 16.59 -11.16 5.86
C SER A 290 16.71 -11.31 7.37
N TRP A 291 15.76 -10.76 8.13
CA TRP A 291 15.74 -10.91 9.57
C TRP A 291 15.18 -12.28 9.93
N PHE A 292 14.23 -12.75 9.12
CA PHE A 292 13.53 -14.03 9.27
C PHE A 292 13.81 -14.87 8.03
N ASP A 293 14.16 -16.13 8.24
CA ASP A 293 14.38 -17.10 7.16
C ASP A 293 13.19 -18.04 7.13
N LYS A 294 12.45 -18.01 6.04
CA LYS A 294 11.20 -18.75 5.96
C LYS A 294 11.39 -20.25 5.97
N THR A 295 12.60 -20.72 5.66
CA THR A 295 12.90 -22.15 5.74
C THR A 295 13.62 -22.55 7.03
N LYS A 296 13.96 -21.57 7.88
CA LYS A 296 14.53 -21.78 9.23
C LYS A 296 13.82 -20.88 10.24
N PRO A 297 12.50 -21.01 10.31
CA PRO A 297 11.69 -20.10 11.12
C PRO A 297 11.92 -20.25 12.63
N ALA A 298 12.08 -21.44 13.16
CA ALA A 298 12.33 -21.55 14.62
C ALA A 298 13.63 -20.91 15.04
N GLU A 299 14.65 -21.07 14.20
CA GLU A 299 15.98 -20.56 14.51
C GLU A 299 16.06 -19.03 14.43
N THR A 300 15.30 -18.44 13.51
CA THR A 300 15.45 -17.01 13.21
C THR A 300 14.38 -16.13 13.80
N TRP A 301 13.25 -16.72 14.17
CA TRP A 301 12.12 -15.95 14.71
C TRP A 301 12.53 -15.08 15.92
N PRO A 302 13.22 -15.62 16.92
CA PRO A 302 13.52 -14.78 18.11
C PRO A 302 14.24 -13.47 17.76
N SER A 303 15.28 -13.57 16.94
CA SER A 303 16.07 -12.42 16.50
C SER A 303 15.20 -11.47 15.64
N ALA A 304 14.42 -12.06 14.74
CA ALA A 304 13.52 -11.26 13.87
C ALA A 304 12.52 -10.45 14.69
N TRP A 305 11.96 -11.08 15.73
CA TRP A 305 11.00 -10.38 16.59
C TRP A 305 11.64 -9.23 17.37
N GLU A 306 12.87 -9.43 17.84
CA GLU A 306 13.61 -8.37 18.53
C GLU A 306 13.79 -7.16 17.59
N LYS A 307 14.19 -7.46 16.35
CA LYS A 307 14.37 -6.39 15.35
C LYS A 307 13.04 -5.73 14.97
N ALA A 308 11.97 -6.49 14.88
CA ALA A 308 10.64 -5.92 14.52
C ALA A 308 10.16 -4.98 15.62
N GLN A 309 10.33 -5.37 16.87
CA GLN A 309 9.86 -4.49 17.94
C GLN A 309 10.67 -3.19 17.99
N ASN A 310 11.96 -3.29 17.70
CA ASN A 310 12.80 -2.12 17.60
C ASN A 310 12.37 -1.18 16.46
N TYR A 311 12.02 -1.78 15.31
CA TYR A 311 11.55 -1.02 14.16
C TYR A 311 10.25 -0.32 14.52
N MET A 312 9.33 -0.98 15.20
CA MET A 312 8.10 -0.30 15.63
C MET A 312 8.38 0.87 16.59
N ARG A 313 9.21 0.62 17.58
CA ARG A 313 9.52 1.65 18.58
C ARG A 313 10.16 2.86 17.95
N ALA A 314 11.10 2.65 17.03
CA ALA A 314 11.79 3.74 16.36
C ALA A 314 10.83 4.65 15.60
N HIS A 315 9.83 4.05 14.96
CA HIS A 315 8.86 4.84 14.21
C HIS A 315 7.81 5.51 15.08
N ILE A 316 7.39 4.84 16.14
CA ILE A 316 6.51 5.47 17.12
C ILE A 316 7.22 6.70 17.71
N ASP A 317 8.53 6.60 17.99
CA ASP A 317 9.25 7.77 18.51
C ASP A 317 9.30 8.95 17.56
N VAL A 318 9.55 8.69 16.30
CA VAL A 318 9.49 9.71 15.26
C VAL A 318 8.10 10.33 15.11
N ALA A 319 7.06 9.51 15.22
CA ALA A 319 5.69 10.03 15.17
C ALA A 319 5.41 10.97 16.36
N LYS A 320 5.97 10.66 17.53
CA LYS A 320 5.88 11.56 18.67
C LYS A 320 6.62 12.87 18.37
N GLN A 321 7.81 12.76 17.76
CA GLN A 321 8.63 13.94 17.44
C GLN A 321 7.92 14.86 16.48
N LEU A 322 7.28 14.28 15.47
CA LEU A 322 6.62 15.04 14.43
C LEU A 322 5.14 15.37 14.76
N ASN A 323 4.63 14.78 15.83
CA ASN A 323 3.27 14.96 16.27
C ASN A 323 2.27 14.58 15.17
N LYS A 324 2.42 13.37 14.66
CA LYS A 324 1.52 12.88 13.60
C LYS A 324 1.11 11.45 13.90
N PRO A 325 -0.08 11.03 13.45
CA PRO A 325 -0.44 9.61 13.54
C PRO A 325 0.48 8.74 12.69
N LEU A 326 0.63 7.49 13.12
CA LEU A 326 1.47 6.50 12.45
C LEU A 326 0.66 5.26 12.12
N VAL A 327 0.64 4.88 10.85
CA VAL A 327 -0.09 3.69 10.42
C VAL A 327 0.92 2.66 9.90
N LEU A 328 0.83 1.44 10.43
CA LEU A 328 1.57 0.30 9.89
C LEU A 328 0.83 -0.21 8.67
N GLU A 329 1.01 0.46 7.53
CA GLU A 329 0.10 0.25 6.42
C GLU A 329 0.45 -0.95 5.56
N GLU A 330 1.58 -1.60 5.82
CA GLU A 330 1.86 -2.93 5.28
C GLU A 330 2.68 -3.72 6.29
N PHE A 331 2.26 -4.97 6.53
CA PHE A 331 3.08 -5.95 7.18
C PHE A 331 2.56 -7.32 6.90
N GLY A 332 3.47 -8.30 6.83
CA GLY A 332 3.07 -9.65 6.51
C GLY A 332 4.15 -10.67 6.75
N LEU A 333 3.77 -11.94 6.65
CA LEU A 333 4.77 -13.00 6.83
C LEU A 333 4.36 -14.23 6.02
N ASP A 334 5.36 -15.02 5.64
CA ASP A 334 5.10 -16.20 4.83
C ASP A 334 4.27 -17.24 5.58
N ARG A 335 3.65 -18.13 4.80
CA ARG A 335 3.04 -19.33 5.37
C ARG A 335 4.16 -20.23 5.90
N ASP A 336 3.76 -21.26 6.63
CA ASP A 336 4.77 -22.11 7.30
C ASP A 336 5.68 -22.77 6.24
N MET A 337 6.99 -22.66 6.49
CA MET A 337 8.05 -23.19 5.61
C MET A 337 8.03 -22.57 4.21
N GLY A 338 7.41 -21.39 4.07
CA GLY A 338 7.37 -20.71 2.81
C GLY A 338 6.45 -21.30 1.76
N SER A 339 5.49 -22.11 2.17
CA SER A 339 4.56 -22.74 1.23
C SER A 339 3.66 -21.67 0.62
N TYR A 340 3.27 -21.87 -0.64
CA TYR A 340 2.28 -21.03 -1.30
C TYR A 340 0.92 -21.69 -1.33
N ALA A 341 0.84 -22.94 -0.89
CA ALA A 341 -0.39 -23.70 -0.98
C ALA A 341 -1.44 -23.22 0.04
N MET A 342 -2.69 -23.13 -0.40
CA MET A 342 -3.76 -22.66 0.50
C MET A 342 -4.02 -23.61 1.65
N ASP A 343 -3.66 -24.88 1.55
CA ASP A 343 -3.87 -25.80 2.66
C ASP A 343 -2.70 -25.87 3.66
N SER A 344 -1.68 -25.04 3.46
CA SER A 344 -0.56 -25.03 4.39
C SER A 344 -0.90 -24.23 5.63
N THR A 345 -0.24 -24.54 6.73
CA THR A 345 -0.47 -23.85 7.98
C THR A 345 0.18 -22.47 8.01
N THR A 346 -0.28 -21.65 8.97
CA THR A 346 0.15 -20.25 9.08
C THR A 346 0.47 -19.94 10.55
N GLU A 347 1.10 -20.88 11.26
CA GLU A 347 1.43 -20.66 12.67
C GLU A 347 2.35 -19.48 12.91
N TYR A 348 3.43 -19.36 12.15
CA TYR A 348 4.38 -18.26 12.34
C TYR A 348 3.74 -16.91 12.04
N ARG A 349 2.99 -16.84 10.93
CA ARG A 349 2.27 -15.64 10.54
C ARG A 349 1.27 -15.23 11.65
N ASP A 350 0.51 -16.19 12.14
CA ASP A 350 -0.50 -15.91 13.15
C ASP A 350 0.12 -15.39 14.46
N ASN A 351 1.22 -16.01 14.90
CA ASN A 351 1.89 -15.55 16.11
C ASN A 351 2.53 -14.17 15.93
N TYR A 352 3.04 -13.89 14.74
CA TYR A 352 3.58 -12.59 14.38
C TYR A 352 2.51 -11.51 14.43
N PHE A 353 1.37 -11.78 13.81
CA PHE A 353 0.28 -10.83 13.85
C PHE A 353 -0.17 -10.59 15.31
N ARG A 354 -0.26 -11.64 16.13
CA ARG A 354 -0.60 -11.43 17.55
C ARG A 354 0.41 -10.51 18.25
N GLY A 355 1.70 -10.71 18.01
CA GLY A 355 2.72 -9.91 18.67
C GLY A 355 2.60 -8.43 18.26
N VAL A 356 2.47 -8.20 16.95
CA VAL A 356 2.36 -6.85 16.41
C VAL A 356 1.10 -6.17 16.97
N PHE A 357 -0.01 -6.88 16.97
CA PHE A 357 -1.24 -6.32 17.47
C PHE A 357 -1.20 -6.00 18.97
N GLU A 358 -0.64 -6.93 19.74
CA GLU A 358 -0.48 -6.73 21.18
C GLU A 358 0.35 -5.48 21.48
N LEU A 359 1.49 -5.33 20.79
CA LEU A 359 2.34 -4.17 21.02
C LEU A 359 1.67 -2.89 20.61
N MET A 360 1.01 -2.91 19.46
CA MET A 360 0.37 -1.71 18.94
C MET A 360 -0.83 -1.30 19.78
N LEU A 361 -1.57 -2.28 20.29
CA LEU A 361 -2.73 -1.99 21.14
C LEU A 361 -2.26 -1.38 22.45
N ALA A 362 -1.17 -1.88 23.00
CA ALA A 362 -0.61 -1.31 24.23
C ALA A 362 -0.18 0.14 24.00
N SER A 363 0.46 0.37 22.84
CA SER A 363 0.89 1.69 22.41
C SER A 363 -0.27 2.65 22.37
N LEU A 364 -1.36 2.22 21.75
CA LEU A 364 -2.57 3.03 21.63
C LEU A 364 -3.18 3.34 23.01
N GLU A 365 -3.29 2.31 23.86
CA GLU A 365 -3.77 2.47 25.24
C GLU A 365 -2.98 3.50 26.02
N GLN A 366 -1.69 3.57 25.75
CA GLN A 366 -0.78 4.46 26.46
C GLN A 366 -0.74 5.89 25.86
N GLY A 367 -1.57 6.14 24.85
CA GLY A 367 -1.74 7.47 24.24
C GLY A 367 -0.69 7.81 23.20
N GLU A 368 0.03 6.81 22.71
CA GLU A 368 1.05 7.03 21.70
C GLU A 368 0.38 7.10 20.32
N PRO A 369 1.07 7.69 19.34
CA PRO A 369 0.49 7.90 18.00
C PRO A 369 0.35 6.68 17.12
N SER A 370 0.23 5.49 17.69
CA SER A 370 -0.10 4.33 16.90
C SER A 370 -1.56 4.44 16.50
N ALA A 371 -1.84 4.53 15.19
CA ALA A 371 -3.18 4.85 14.73
C ALA A 371 -3.79 3.76 13.85
N GLY A 372 -3.13 2.61 13.79
CA GLY A 372 -3.70 1.42 13.18
C GLY A 372 -2.78 0.80 12.14
N TYR A 373 -3.38 0.02 11.26
CA TYR A 373 -2.61 -0.89 10.46
C TYR A 373 -3.40 -1.33 9.22
N ASN A 374 -2.65 -1.85 8.26
CA ASN A 374 -3.21 -2.61 7.14
C ASN A 374 -2.40 -3.87 6.91
N ILE A 375 -2.99 -5.04 7.09
CA ILE A 375 -2.27 -6.30 6.82
C ILE A 375 -1.99 -6.39 5.31
N TRP A 376 -0.81 -6.87 4.95
CA TRP A 376 -0.49 -7.23 3.57
C TRP A 376 -0.46 -8.76 3.52
N ALA A 377 -1.44 -9.40 2.88
CA ALA A 377 -2.51 -8.79 2.09
C ALA A 377 -3.71 -9.70 2.04
N TRP A 378 -4.77 -9.24 1.38
CA TRP A 378 -6.03 -9.98 1.34
C TRP A 378 -6.26 -10.72 0.01
N ASN A 379 -6.32 -12.05 0.09
CA ASN A 379 -6.63 -12.92 -1.06
C ASN A 379 -8.10 -13.28 -1.12
N GLY A 380 -8.74 -13.46 0.04
CA GLY A 380 -10.16 -13.69 0.08
C GLY A 380 -10.57 -14.92 -0.71
N TYR A 381 -11.52 -14.73 -1.62
CA TYR A 381 -12.08 -15.81 -2.42
C TYR A 381 -11.24 -16.08 -3.66
N GLY A 382 -10.17 -15.30 -3.87
CA GLY A 382 -9.31 -15.49 -5.04
C GLY A 382 -8.60 -16.82 -4.97
N ARG A 383 -8.40 -17.44 -6.12
CA ARG A 383 -7.75 -18.75 -6.21
C ARG A 383 -6.81 -18.77 -7.41
N THR A 384 -5.75 -19.56 -7.29
CA THR A 384 -4.89 -19.90 -8.44
C THR A 384 -4.88 -21.44 -8.58
N THR A 385 -4.88 -21.89 -9.81
CA THR A 385 -4.57 -23.29 -10.10
C THR A 385 -3.31 -23.40 -10.95
N ARG A 386 -2.49 -22.35 -10.96
CA ARG A 386 -1.19 -22.44 -11.62
C ARG A 386 -0.21 -23.24 -10.77
N ALA A 387 0.44 -24.24 -11.38
CA ALA A 387 1.36 -25.12 -10.62
C ALA A 387 2.51 -24.34 -10.01
N ASN A 388 2.98 -23.32 -10.75
CA ASN A 388 4.08 -22.48 -10.27
C ASN A 388 3.63 -21.23 -9.52
N TYR A 389 2.33 -21.13 -9.23
CA TYR A 389 1.72 -20.05 -8.49
C TYR A 389 1.98 -18.67 -9.11
N TRP A 390 2.28 -18.63 -10.42
CA TRP A 390 2.56 -17.37 -11.09
C TRP A 390 1.33 -16.80 -11.84
N TRP A 391 0.95 -15.57 -11.50
CA TRP A 391 -0.21 -14.95 -12.10
C TRP A 391 -0.01 -14.75 -13.62
N GLN A 392 -1.07 -15.08 -14.36
CA GLN A 392 -1.19 -14.80 -15.80
C GLN A 392 -2.43 -13.94 -16.06
N GLU A 393 -2.41 -13.18 -17.15
CA GLU A 393 -3.52 -12.33 -17.50
C GLU A 393 -4.82 -13.15 -17.59
N GLY A 394 -5.85 -12.67 -16.91
CA GLY A 394 -7.13 -13.37 -16.78
C GLY A 394 -7.32 -14.13 -15.49
N ASP A 395 -6.23 -14.42 -14.78
CA ASP A 395 -6.30 -15.14 -13.51
C ASP A 395 -6.92 -14.25 -12.41
N ASP A 396 -7.52 -14.88 -11.39
CA ASP A 396 -8.06 -14.16 -10.23
C ASP A 396 -6.99 -13.20 -9.69
N PHE A 397 -7.37 -11.94 -9.42
CA PHE A 397 -6.49 -11.05 -8.66
C PHE A 397 -6.44 -11.48 -7.20
N MET A 398 -5.26 -11.38 -6.64
CA MET A 398 -5.00 -11.73 -5.26
C MET A 398 -4.21 -10.59 -4.60
N GLY A 399 -4.13 -10.62 -3.29
CA GLY A 399 -3.38 -9.63 -2.53
C GLY A 399 -1.91 -9.64 -2.85
N ASP A 400 -1.43 -10.83 -3.20
CA ASP A 400 -0.09 -10.99 -3.76
C ASP A 400 -0.13 -10.42 -5.18
N PRO A 401 0.62 -9.37 -5.53
CA PRO A 401 0.54 -8.84 -6.90
C PRO A 401 1.33 -9.70 -7.90
N PRO A 402 1.27 -9.37 -9.19
CA PRO A 402 1.82 -10.22 -10.25
C PRO A 402 3.35 -10.46 -10.24
N GLN A 403 4.09 -9.84 -9.31
CA GLN A 403 5.52 -10.04 -9.21
C GLN A 403 5.91 -11.05 -8.13
N GLU A 404 4.93 -11.60 -7.41
CA GLU A 404 5.14 -12.58 -6.36
C GLU A 404 4.23 -13.77 -6.56
N GLU A 405 4.64 -14.91 -6.03
CA GLU A 405 3.76 -16.05 -6.07
C GLU A 405 2.42 -15.78 -5.40
N GLN A 406 1.39 -16.32 -6.02
CA GLN A 406 -0.01 -16.19 -5.58
C GLN A 406 -0.18 -17.16 -4.43
N GLY A 407 -0.23 -16.60 -3.23
CA GLY A 407 -0.15 -17.37 -2.00
C GLY A 407 1.04 -17.07 -1.10
N MET A 408 1.93 -16.16 -1.52
CA MET A 408 3.08 -15.81 -0.70
C MET A 408 2.71 -15.21 0.68
N TYR A 409 1.99 -14.10 0.64
CA TYR A 409 1.64 -13.34 1.82
C TYR A 409 0.13 -13.19 2.04
N GLY A 410 -0.67 -13.53 1.05
CA GLY A 410 -2.09 -13.27 1.16
C GLY A 410 -2.87 -14.16 2.09
N VAL A 411 -3.89 -13.57 2.72
CA VAL A 411 -4.78 -14.28 3.62
C VAL A 411 -6.03 -14.69 2.84
N PHE A 412 -6.30 -15.99 2.79
CA PHE A 412 -7.44 -16.54 2.05
C PHE A 412 -8.64 -16.53 3.00
N ASP A 413 -9.84 -16.53 2.45
CA ASP A 413 -11.06 -16.62 3.24
C ASP A 413 -11.11 -17.90 4.13
N THR A 414 -10.41 -18.95 3.70
CA THR A 414 -10.32 -20.21 4.43
C THR A 414 -9.24 -20.27 5.54
N ASP A 415 -8.48 -19.18 5.70
CA ASP A 415 -7.45 -19.09 6.72
C ASP A 415 -8.09 -18.73 8.06
N THR A 416 -8.79 -19.70 8.62
CA THR A 416 -9.66 -19.48 9.76
C THR A 416 -8.97 -18.91 10.96
N SER A 417 -7.77 -19.41 11.26
CA SER A 417 -7.05 -18.99 12.46
C SER A 417 -6.62 -17.53 12.31
N THR A 418 -6.13 -17.16 11.13
CA THR A 418 -5.70 -15.80 10.88
C THR A 418 -6.85 -14.80 10.96
N ILE A 419 -7.95 -15.18 10.34
CA ILE A 419 -9.14 -14.34 10.36
C ILE A 419 -9.68 -14.14 11.77
N ALA A 420 -9.62 -15.16 12.61
CA ALA A 420 -10.08 -15.01 13.99
C ALA A 420 -9.24 -13.98 14.75
N ILE A 421 -7.93 -13.96 14.50
CA ILE A 421 -7.03 -12.98 15.13
C ILE A 421 -7.35 -11.57 14.64
N MET A 422 -7.55 -11.43 13.33
CA MET A 422 -7.96 -10.14 12.74
C MET A 422 -9.27 -9.68 13.36
N LYS A 423 -10.25 -10.58 13.46
CA LYS A 423 -11.58 -10.20 13.97
C LYS A 423 -11.46 -9.69 15.40
N GLU A 424 -10.67 -10.39 16.20
CA GLU A 424 -10.46 -10.05 17.58
C GLU A 424 -9.85 -8.68 17.68
N PHE A 425 -8.72 -8.46 17.03
CA PHE A 425 -8.02 -7.21 17.22
C PHE A 425 -8.70 -6.03 16.52
N ASN A 426 -9.33 -6.27 15.38
CA ASN A 426 -10.09 -5.22 14.71
C ASN A 426 -11.14 -4.66 15.68
N ALA A 427 -11.75 -5.52 16.50
CA ALA A 427 -12.71 -5.09 17.49
C ALA A 427 -12.03 -4.38 18.66
N ARG A 428 -10.89 -4.89 19.10
CA ARG A 428 -10.21 -4.33 20.26
C ARG A 428 -9.64 -2.93 19.97
N PHE A 429 -9.24 -2.69 18.72
CA PHE A 429 -8.63 -1.41 18.35
C PHE A 429 -9.69 -0.29 18.20
N GLN A 430 -10.94 -0.68 18.03
CA GLN A 430 -12.05 0.29 17.96
C GLN A 430 -12.40 0.92 19.33
N PRO A 431 -12.43 2.26 19.30
CA PRO A 431 -12.66 3.09 20.49
C PRO A 431 -13.98 2.79 21.22
O4 IFL B . 4.34 -7.24 -2.70
C4 IFL B . 5.27 -6.39 -2.08
C3 IFL B . 4.83 -4.93 -2.40
O3 IFL B . 5.58 -4.43 -3.53
C2 IFL B . 5.09 -3.89 -1.28
N IFL B . 5.95 -4.25 -0.30
C7 IFL B . 6.39 -5.62 -0.05
C5 IFL B . 5.38 -6.65 -0.56
C6 IFL B . 5.78 -8.07 -0.10
O6 IFL B . 7.07 -8.42 -0.68
O2 IFL B . 4.69 -2.71 -1.43
C1 GOL C . 8.78 -5.62 -4.52
O1 GOL C . 8.39 -5.01 -3.30
C2 GOL C . 10.05 -6.43 -4.34
O2 GOL C . 10.80 -5.88 -3.27
C3 GOL C . 9.81 -7.92 -4.04
O3 GOL C . 8.71 -8.44 -4.73
C1 GOL D . 11.52 -4.52 -0.32
O1 GOL D . 11.30 -5.91 -0.25
C2 GOL D . 10.25 -3.71 -0.03
O2 GOL D . 9.24 -4.04 -0.95
C3 GOL D . 9.67 -3.99 1.36
O3 GOL D . 10.44 -3.42 2.39
C1 GOL E . -10.40 -10.81 -11.75
O1 GOL E . -10.17 -11.36 -10.45
C2 GOL E . -10.52 -11.87 -12.82
O2 GOL E . -11.62 -12.72 -12.51
C3 GOL E . -10.75 -11.21 -14.17
O3 GOL E . -9.72 -10.31 -14.54
S SO4 F . -23.83 -4.48 -3.38
O1 SO4 F . -23.30 -4.50 -4.72
O2 SO4 F . -23.89 -5.78 -2.84
O3 SO4 F . -23.11 -3.59 -2.50
O4 SO4 F . -25.15 -3.86 -3.42
#